data_3OWH
#
_entry.id   3OWH
#
_cell.length_a   56.256
_cell.length_b   83.740
_cell.length_c   106.619
_cell.angle_alpha   90.000
_cell.angle_beta   90.000
_cell.angle_gamma   90.000
#
_symmetry.space_group_name_H-M   'P 21 21 21'
#
loop_
_entity.id
_entity.type
_entity.pdbx_description
1 polymer 'Ribosyldihydronicotinamide dehydrogenase [quinone]'
2 non-polymer 'ZINC ION'
3 non-polymer 'FLAVIN-ADENINE DINUCLEOTIDE'
4 non-polymer 'methyl {3-[2-(acetylamino)ethyl]-2-iodo-1H-indol-5-yl}carbamate'
5 water water
#
_entity_poly.entity_id   1
_entity_poly.type   'polypeptide(L)'
_entity_poly.pdbx_seq_one_letter_code
;MAGKKVLIVYAHQEPKSFNGSLKNVAVDELSRQGCTVTVSDLYAMNFEPRATDKDITGTLSNPEVFNYGVETHEAYKQRS
LASDITDEQKKVREADLVIFQFPLYWFSVPAILKGWMDRVLCQGFAFDIPGFYDSGLLQGKLALLSVTTGGTAEMYTKTG
VNGDSRYFLWPLQHGTLHFCGFKVLAPQISFAPEIASEEERKGMVAAWSQRLQTIWKEEPIPCTAHWHFGQ
;
_entity_poly.pdbx_strand_id   A,B
#
loop_
_chem_comp.id
_chem_comp.type
_chem_comp.name
_chem_comp.formula
52X non-polymer 'methyl {3-[2-(acetylamino)ethyl]-2-iodo-1H-indol-5-yl}carbamate' 'C14 H16 I N3 O3'
FAD non-polymer 'FLAVIN-ADENINE DINUCLEOTIDE' 'C27 H33 N9 O15 P2'
ZN non-polymer 'ZINC ION' 'Zn 2'
#
# COMPACT_ATOMS: atom_id res chain seq x y z
N GLY A 3 19.04 7.25 27.44
CA GLY A 3 19.22 7.58 25.99
C GLY A 3 18.08 6.97 25.19
N LYS A 4 17.96 7.34 23.92
CA LYS A 4 16.89 6.79 23.09
C LYS A 4 17.41 6.12 21.81
N LYS A 5 16.72 5.08 21.38
CA LYS A 5 17.00 4.39 20.11
C LYS A 5 16.00 4.77 19.02
N VAL A 6 16.53 5.13 17.86
CA VAL A 6 15.71 5.48 16.71
C VAL A 6 16.01 4.57 15.53
N LEU A 7 14.93 4.04 14.94
CA LEU A 7 15.00 3.36 13.65
C LEU A 7 14.39 4.24 12.57
N ILE A 8 15.14 4.49 11.51
CA ILE A 8 14.57 5.12 10.33
C ILE A 8 14.42 4.05 9.24
N VAL A 9 13.16 3.81 8.83
CA VAL A 9 12.90 2.94 7.68
C VAL A 9 12.69 3.84 6.45
N TYR A 10 13.60 3.69 5.48
CA TYR A 10 13.77 4.63 4.40
C TYR A 10 13.57 3.90 3.07
N ALA A 11 12.78 4.51 2.18
CA ALA A 11 12.33 3.86 0.95
C ALA A 11 12.42 4.85 -0.20
N HIS A 12 13.65 5.06 -0.66
CA HIS A 12 13.91 5.81 -1.87
C HIS A 12 15.13 5.24 -2.58
N GLN A 13 15.04 5.22 -3.91
CA GLN A 13 16.08 4.65 -4.76
C GLN A 13 17.41 5.44 -4.80
N GLU A 14 17.32 6.75 -4.56
CA GLU A 14 18.39 7.68 -4.92
C GLU A 14 18.92 8.44 -3.69
N PRO A 15 20.18 8.17 -3.33
CA PRO A 15 20.80 8.93 -2.22
C PRO A 15 20.74 10.48 -2.36
N LYS A 16 20.75 11.02 -3.58
CA LYS A 16 20.78 12.51 -3.74
C LYS A 16 19.39 13.13 -3.73
N SER A 17 18.37 12.32 -3.50
CA SER A 17 17.00 12.75 -3.59
C SER A 17 16.62 13.63 -2.41
N PHE A 18 15.47 14.28 -2.52
CA PHE A 18 14.97 15.03 -1.41
C PHE A 18 14.71 14.15 -0.19
N ASN A 19 14.21 12.93 -0.42
CA ASN A 19 14.00 11.97 0.66
C ASN A 19 15.34 11.58 1.28
N GLY A 20 16.34 11.36 0.44
CA GLY A 20 17.72 11.12 0.85
C GLY A 20 18.16 12.20 1.84
N SER A 21 17.91 13.46 1.49
CA SER A 21 18.34 14.57 2.34
C SER A 21 17.60 14.60 3.65
N LEU A 22 16.30 14.28 3.60
CA LEU A 22 15.51 14.24 4.82
C LEU A 22 15.98 13.13 5.75
N LYS A 23 16.40 12.01 5.19
CA LYS A 23 16.87 10.90 6.01
C LYS A 23 18.21 11.27 6.64
N ASN A 24 19.09 11.88 5.85
CA ASN A 24 20.41 12.30 6.33
C ASN A 24 20.39 13.41 7.39
N VAL A 25 19.44 14.31 7.30
CA VAL A 25 19.22 15.34 8.30
C VAL A 25 18.70 14.74 9.60
N ALA A 26 17.84 13.73 9.48
CA ALA A 26 17.36 12.99 10.61
C ALA A 26 18.50 12.20 11.30
N VAL A 27 19.34 11.52 10.51
CA VAL A 27 20.53 10.85 11.08
C VAL A 27 21.45 11.86 11.79
N ASP A 28 21.77 12.98 11.13
CA ASP A 28 22.69 13.99 11.71
C ASP A 28 22.16 14.56 13.01
N GLU A 29 20.92 15.02 13.00
CA GLU A 29 20.32 15.64 14.16
C GLU A 29 20.12 14.69 15.34
N LEU A 30 19.55 13.51 15.11
CA LEU A 30 19.37 12.56 16.22
C LEU A 30 20.72 12.07 16.76
N SER A 31 21.67 11.83 15.87
CA SER A 31 23.03 11.49 16.26
C SER A 31 23.69 12.60 17.12
N ARG A 32 23.58 13.87 16.67
CA ARG A 32 24.04 15.04 17.42
C ARG A 32 23.50 15.07 18.84
N GLN A 33 22.21 14.76 18.99
CA GLN A 33 21.56 14.71 20.29
C GLN A 33 22.05 13.57 21.20
N GLY A 34 22.74 12.57 20.64
CA GLY A 34 23.25 11.45 21.43
C GLY A 34 22.39 10.20 21.34
N CYS A 35 21.40 10.26 20.44
CA CYS A 35 20.54 9.11 20.17
C CYS A 35 21.26 7.97 19.45
N THR A 36 20.80 6.76 19.73
CA THR A 36 21.22 5.59 19.02
C THR A 36 20.40 5.53 17.72
N VAL A 37 21.08 5.52 16.59
CA VAL A 37 20.37 5.55 15.30
C VAL A 37 20.70 4.34 14.41
N THR A 38 19.69 3.76 13.82
CA THR A 38 19.79 2.70 12.85
C THR A 38 18.93 3.09 11.65
N VAL A 39 19.42 2.84 10.43
CA VAL A 39 18.64 3.04 9.20
C VAL A 39 18.45 1.71 8.48
N SER A 40 17.21 1.44 8.07
CA SER A 40 16.92 0.36 7.14
C SER A 40 16.65 0.98 5.79
N ASP A 41 17.66 0.96 4.91
CA ASP A 41 17.56 1.50 3.57
C ASP A 41 17.08 0.36 2.66
N LEU A 42 15.75 0.26 2.58
CA LEU A 42 15.10 -0.84 1.89
C LEU A 42 15.62 -1.09 0.51
N TYR A 43 15.75 -0.07 -0.33
CA TYR A 43 16.21 -0.36 -1.68
C TYR A 43 17.67 -0.85 -1.72
N ALA A 44 18.53 -0.31 -0.84
CA ALA A 44 19.93 -0.73 -0.77
C ALA A 44 20.02 -2.14 -0.22
N MET A 45 19.09 -2.53 0.64
CA MET A 45 19.10 -3.90 1.13
C MET A 45 18.45 -4.83 0.09
N ASN A 46 17.95 -4.24 -1.00
CA ASN A 46 17.03 -4.94 -1.90
C ASN A 46 15.98 -5.71 -1.09
N PHE A 47 15.32 -5.06 -0.14
CA PHE A 47 14.33 -5.73 0.73
C PHE A 47 13.22 -6.47 -0.05
N GLU A 48 12.99 -7.70 0.34
CA GLU A 48 11.95 -8.51 -0.29
C GLU A 48 10.57 -8.06 0.22
N PRO A 49 9.72 -7.55 -0.69
CA PRO A 49 8.39 -7.10 -0.32
C PRO A 49 7.29 -8.18 -0.34
N ARG A 50 7.51 -9.31 -1.01
CA ARG A 50 6.43 -10.29 -1.16
C ARG A 50 6.25 -11.22 0.04
N ALA A 51 4.99 -11.41 0.47
CA ALA A 51 4.67 -12.36 1.54
C ALA A 51 4.56 -13.76 0.95
N THR A 52 5.62 -14.55 1.10
CA THR A 52 5.60 -15.90 0.52
C THR A 52 6.04 -16.95 1.54
N ASP A 53 5.89 -18.23 1.16
CA ASP A 53 6.32 -19.35 2.00
C ASP A 53 7.84 -19.36 2.27
N LYS A 54 8.59 -18.60 1.46
CA LYS A 54 10.02 -18.41 1.73
C LYS A 54 10.29 -17.69 3.04
N ASP A 55 9.27 -17.03 3.59
CA ASP A 55 9.42 -16.27 4.85
C ASP A 55 9.49 -17.20 6.06
N ILE A 56 9.27 -18.48 5.81
CA ILE A 56 9.35 -19.50 6.85
C ILE A 56 10.46 -20.46 6.50
N THR A 57 11.42 -20.58 7.41
CA THR A 57 12.59 -21.46 7.24
C THR A 57 12.24 -22.87 7.70
N GLY A 58 12.95 -23.85 7.14
CA GLY A 58 12.68 -25.25 7.47
C GLY A 58 11.38 -25.63 6.80
N THR A 59 10.54 -26.38 7.51
CA THR A 59 9.30 -26.90 6.88
C THR A 59 8.04 -26.28 7.47
N LEU A 60 7.00 -26.20 6.63
CA LEU A 60 5.78 -25.47 6.96
C LEU A 60 4.83 -26.25 7.86
N SER A 61 4.11 -25.50 8.67
CA SER A 61 3.08 -26.01 9.59
C SER A 61 1.89 -26.73 8.91
N ASN A 62 1.89 -26.78 7.58
CA ASN A 62 0.80 -27.34 6.74
C ASN A 62 1.14 -27.13 5.27
N PRO A 63 2.03 -27.97 4.71
CA PRO A 63 2.47 -27.80 3.30
C PRO A 63 1.34 -28.02 2.26
N GLU A 64 0.13 -28.24 2.74
CA GLU A 64 -1.05 -28.51 1.91
C GLU A 64 -1.68 -27.23 1.39
N VAL A 65 -2.28 -26.49 2.32
CA VAL A 65 -2.95 -25.24 2.09
C VAL A 65 -2.08 -24.20 2.79
N PHE A 66 -1.41 -23.32 2.03
CA PHE A 66 -0.57 -22.24 2.62
C PHE A 66 -1.41 -21.01 3.04
N ASN A 67 -1.41 -20.74 4.34
CA ASN A 67 -2.06 -19.57 4.93
C ASN A 67 -0.97 -18.69 5.53
N TYR A 68 -0.66 -17.57 4.87
CA TYR A 68 0.47 -16.72 5.27
C TYR A 68 0.41 -16.18 6.71
N GLY A 69 -0.75 -15.67 7.11
CA GLY A 69 -0.96 -15.14 8.44
C GLY A 69 -0.72 -16.14 9.57
N VAL A 70 -1.15 -17.37 9.34
CA VAL A 70 -1.03 -18.40 10.35
C VAL A 70 0.38 -18.97 10.39
N GLU A 71 0.95 -19.25 9.22
CA GLU A 71 2.31 -19.79 9.14
C GLU A 71 3.36 -18.83 9.71
N THR A 72 3.17 -17.53 9.52
CA THR A 72 4.13 -16.59 10.05
C THR A 72 3.97 -16.41 11.55
N HIS A 73 2.72 -16.35 12.03
CA HIS A 73 2.41 -16.39 13.47
C HIS A 73 3.09 -17.56 14.16
N GLU A 74 2.89 -18.77 13.65
CA GLU A 74 3.51 -19.96 14.22
C GLU A 74 5.04 -19.93 14.10
N ALA A 75 5.53 -19.43 12.96
CA ALA A 75 6.97 -19.26 12.70
C ALA A 75 7.63 -18.25 13.65
N TYR A 76 6.93 -17.16 13.96
CA TYR A 76 7.42 -16.20 14.93
C TYR A 76 7.61 -16.87 16.31
N LYS A 77 6.49 -17.31 16.89
CA LYS A 77 6.46 -18.07 18.15
C LYS A 77 7.61 -19.07 18.28
N GLN A 78 7.87 -19.81 17.21
CA GLN A 78 8.89 -20.84 17.25
C GLN A 78 10.19 -20.42 16.62
N ARG A 79 10.47 -19.11 16.57
CA ARG A 79 11.74 -18.55 16.04
C ARG A 79 12.19 -19.17 14.69
N SER A 80 11.24 -19.27 13.77
CA SER A 80 11.47 -19.91 12.46
C SER A 80 11.22 -18.98 11.23
N LEU A 81 11.28 -17.67 11.43
CA LEU A 81 11.13 -16.70 10.35
C LEU A 81 12.44 -16.48 9.62
N ALA A 82 12.36 -16.11 8.34
CA ALA A 82 13.55 -15.74 7.57
C ALA A 82 14.27 -14.59 8.28
N SER A 83 15.57 -14.48 8.05
CA SER A 83 16.39 -13.62 8.90
C SER A 83 16.30 -12.14 8.51
N ASP A 84 15.91 -11.84 7.27
CA ASP A 84 15.61 -10.43 6.93
C ASP A 84 14.48 -9.89 7.81
N ILE A 85 13.47 -10.71 8.05
CA ILE A 85 12.35 -10.34 8.90
C ILE A 85 12.78 -10.19 10.36
N THR A 86 13.43 -11.23 10.90
CA THR A 86 13.85 -11.21 12.31
C THR A 86 14.87 -10.10 12.61
N ASP A 87 15.77 -9.80 11.67
CA ASP A 87 16.63 -8.59 11.77
C ASP A 87 15.81 -7.30 11.92
N GLU A 88 14.77 -7.12 11.08
CA GLU A 88 13.96 -5.89 11.17
C GLU A 88 13.21 -5.86 12.51
N GLN A 89 12.66 -6.99 12.92
CA GLN A 89 11.93 -7.03 14.20
C GLN A 89 12.84 -6.73 15.38
N LYS A 90 14.09 -7.21 15.33
CA LYS A 90 15.04 -6.80 16.38
C LYS A 90 15.22 -5.27 16.44
N LYS A 91 15.37 -4.62 15.30
CA LYS A 91 15.57 -3.18 15.26
C LYS A 91 14.31 -2.48 15.75
N VAL A 92 13.15 -3.02 15.41
CA VAL A 92 11.90 -2.42 15.84
C VAL A 92 11.68 -2.62 17.35
N ARG A 93 11.87 -3.85 17.81
CA ARG A 93 11.73 -4.18 19.22
C ARG A 93 12.53 -3.19 20.10
N GLU A 94 13.77 -2.89 19.69
CA GLU A 94 14.66 -2.08 20.50
C GLU A 94 14.43 -0.60 20.29
N ALA A 95 13.74 -0.24 19.22
CA ALA A 95 13.56 1.19 18.96
C ALA A 95 12.53 1.90 19.91
N ASP A 96 12.78 3.19 20.21
CA ASP A 96 11.81 4.00 20.95
C ASP A 96 10.97 4.83 19.98
N LEU A 97 11.57 5.18 18.85
CA LEU A 97 10.91 5.91 17.79
C LEU A 97 11.24 5.22 16.47
N VAL A 98 10.21 5.05 15.62
CA VAL A 98 10.37 4.56 14.26
C VAL A 98 9.91 5.66 13.36
N ILE A 99 10.84 6.21 12.57
CA ILE A 99 10.51 7.12 11.51
C ILE A 99 10.49 6.35 10.17
N PHE A 100 9.41 6.56 9.42
CA PHE A 100 9.27 6.11 8.03
C PHE A 100 9.47 7.27 7.13
N GLN A 101 10.41 7.11 6.20
CA GLN A 101 10.79 8.17 5.27
C GLN A 101 10.55 7.68 3.83
N PHE A 102 9.57 8.24 3.15
CA PHE A 102 9.17 7.74 1.84
C PHE A 102 8.47 8.82 1.01
N PRO A 103 8.58 8.71 -0.32
CA PRO A 103 7.71 9.44 -1.24
C PRO A 103 6.36 8.76 -1.24
N LEU A 104 5.30 9.57 -1.24
CA LEU A 104 3.93 9.06 -1.41
C LEU A 104 3.79 8.38 -2.79
N TYR A 105 3.39 7.11 -2.81
CA TYR A 105 3.07 6.44 -4.07
C TYR A 105 1.61 6.03 -3.99
N TRP A 106 0.77 6.58 -4.87
CA TRP A 106 -0.64 6.20 -4.91
C TRP A 106 -1.31 6.31 -3.53
N PHE A 107 -1.16 7.49 -2.93
CA PHE A 107 -1.81 7.85 -1.65
C PHE A 107 -1.33 6.90 -0.56
N SER A 108 -0.15 6.28 -0.74
CA SER A 108 0.31 5.23 0.19
C SER A 108 1.84 5.15 0.15
N VAL A 109 2.40 4.10 0.78
CA VAL A 109 3.85 3.85 0.79
C VAL A 109 4.30 3.12 -0.48
N PRO A 110 5.54 3.32 -0.92
CA PRO A 110 6.01 2.45 -2.01
C PRO A 110 5.86 0.97 -1.66
N ALA A 111 5.64 0.13 -2.66
CA ALA A 111 5.47 -1.31 -2.43
C ALA A 111 6.57 -1.97 -1.58
N ILE A 112 7.81 -1.52 -1.76
CA ILE A 112 8.91 -2.05 -0.96
C ILE A 112 8.68 -1.84 0.54
N LEU A 113 8.15 -0.66 0.89
CA LEU A 113 7.85 -0.33 2.28
C LEU A 113 6.54 -1.02 2.68
N LYS A 114 5.59 -1.15 1.74
CA LYS A 114 4.38 -1.93 2.06
C LYS A 114 4.79 -3.34 2.47
N GLY A 115 5.79 -3.91 1.78
CA GLY A 115 6.25 -5.26 2.09
C GLY A 115 6.94 -5.41 3.44
N TRP A 116 7.69 -4.38 3.83
CA TRP A 116 8.29 -4.35 5.16
C TRP A 116 7.14 -4.49 6.19
N MET A 117 6.13 -3.64 6.05
CA MET A 117 4.99 -3.69 6.99
C MET A 117 4.29 -5.05 6.90
N ASP A 118 4.03 -5.53 5.68
CA ASP A 118 3.36 -6.85 5.56
C ASP A 118 4.15 -7.96 6.25
N ARG A 119 5.48 -7.93 6.10
CA ARG A 119 6.32 -9.08 6.47
C ARG A 119 6.92 -8.95 7.89
N VAL A 120 7.22 -7.73 8.32
CA VAL A 120 7.86 -7.53 9.62
C VAL A 120 6.86 -7.39 10.78
N LEU A 121 5.73 -6.72 10.54
CA LEU A 121 4.75 -6.56 11.60
C LEU A 121 3.81 -7.75 11.67
N CYS A 122 4.34 -8.95 11.95
CA CYS A 122 3.55 -10.18 11.90
C CYS A 122 2.78 -10.41 13.21
N GLN A 123 1.85 -11.37 13.16
CA GLN A 123 1.13 -11.74 14.37
C GLN A 123 2.09 -12.45 15.33
N GLY A 124 1.98 -12.07 16.59
CA GLY A 124 2.94 -12.52 17.60
C GLY A 124 3.92 -11.41 17.93
N PHE A 125 4.31 -10.63 16.93
CA PHE A 125 5.31 -9.56 17.13
C PHE A 125 4.66 -8.21 17.35
N ALA A 126 3.82 -7.82 16.40
CA ALA A 126 3.28 -6.47 16.39
C ALA A 126 1.91 -6.38 17.06
N PHE A 127 1.23 -7.52 17.16
CA PHE A 127 -0.17 -7.54 17.61
C PHE A 127 -0.58 -8.98 17.85
N ASP A 128 -1.71 -9.13 18.53
CA ASP A 128 -2.37 -10.41 18.75
C ASP A 128 -3.82 -10.08 19.16
N ILE A 129 -4.66 -11.11 19.27
CA ILE A 129 -6.06 -10.95 19.71
C ILE A 129 -6.19 -9.98 20.91
N PRO A 130 -5.42 -10.21 22.01
CA PRO A 130 -5.47 -9.27 23.17
C PRO A 130 -4.95 -7.85 22.88
N GLY A 131 -3.89 -7.77 22.06
CA GLY A 131 -3.24 -6.49 21.76
C GLY A 131 -3.43 -5.91 20.36
N PHE A 132 -4.69 -5.58 20.01
CA PHE A 132 -5.04 -4.74 18.85
C PHE A 132 -4.95 -3.31 19.37
N TYR A 133 -4.83 -2.34 18.47
CA TYR A 133 -4.90 -0.91 18.82
C TYR A 133 -4.19 -0.56 20.13
N ASP A 134 -4.77 0.34 20.94
CA ASP A 134 -4.30 0.52 22.33
C ASP A 134 -4.08 -0.90 22.88
N SER A 135 -2.92 -1.17 23.46
CA SER A 135 -2.56 -2.56 23.85
C SER A 135 -2.01 -3.45 22.70
N GLY A 136 -1.73 -2.86 21.55
CA GLY A 136 -0.89 -3.55 20.56
C GLY A 136 0.49 -3.80 21.17
N LEU A 137 1.11 -4.92 20.80
CA LEU A 137 2.38 -5.37 21.37
C LEU A 137 3.57 -4.41 21.26
N LEU A 138 3.38 -3.31 20.54
CA LEU A 138 4.44 -2.33 20.33
C LEU A 138 4.10 -1.05 21.08
N GLN A 139 3.20 -1.17 22.06
CA GLN A 139 2.81 -0.06 22.94
C GLN A 139 4.04 0.50 23.66
N GLY A 140 4.08 1.81 23.78
CA GLY A 140 5.22 2.50 24.36
C GLY A 140 6.04 3.21 23.30
N LYS A 141 6.08 2.65 22.09
CA LYS A 141 6.91 3.17 21.02
C LYS A 141 6.27 4.33 20.28
N LEU A 142 7.08 5.28 19.85
CA LEU A 142 6.59 6.33 18.98
C LEU A 142 6.79 5.97 17.50
N ALA A 143 5.92 6.48 16.63
CA ALA A 143 6.07 6.28 15.19
C ALA A 143 5.72 7.57 14.51
N LEU A 144 6.32 7.82 13.36
CA LEU A 144 6.23 9.09 12.68
C LEU A 144 6.43 8.83 11.20
N LEU A 145 5.45 9.27 10.40
CA LEU A 145 5.61 9.31 8.95
C LEU A 145 6.19 10.64 8.44
N SER A 146 7.30 10.54 7.71
CA SER A 146 7.83 11.68 7.00
C SER A 146 7.67 11.38 5.53
N VAL A 147 6.75 12.09 4.89
CA VAL A 147 6.26 11.81 3.56
C VAL A 147 6.59 12.99 2.65
N THR A 148 7.04 12.71 1.45
CA THR A 148 7.12 13.74 0.43
C THR A 148 6.02 13.49 -0.65
N THR A 149 5.51 14.55 -1.28
CA THR A 149 4.46 14.40 -2.29
C THR A 149 4.84 14.99 -3.63
N GLY A 150 4.16 14.57 -4.68
CA GLY A 150 4.22 15.27 -5.97
C GLY A 150 3.28 16.47 -5.95
N GLY A 151 2.09 16.29 -5.36
CA GLY A 151 1.08 17.34 -5.28
C GLY A 151 1.24 18.37 -4.16
N THR A 152 1.00 19.65 -4.52
CA THR A 152 1.13 20.80 -3.58
C THR A 152 0.11 20.73 -2.42
N ALA A 153 0.39 21.49 -1.36
CA ALA A 153 -0.49 21.54 -0.19
C ALA A 153 -1.93 21.98 -0.53
N GLU A 154 -2.08 22.91 -1.47
CA GLU A 154 -3.43 23.34 -1.90
C GLU A 154 -4.30 22.22 -2.50
N MET A 155 -3.71 21.37 -3.34
CA MET A 155 -4.37 20.16 -3.88
C MET A 155 -4.84 19.19 -2.80
N TYR A 156 -4.11 19.16 -1.68
CA TYR A 156 -4.46 18.27 -0.55
C TYR A 156 -5.35 18.90 0.53
N THR A 157 -6.32 19.71 0.13
CA THR A 157 -7.29 20.28 1.08
C THR A 157 -8.67 19.64 0.94
N LYS A 158 -9.52 19.84 1.96
CA LYS A 158 -10.85 19.21 2.11
C LYS A 158 -11.68 19.17 0.82
N THR A 159 -11.63 20.29 0.11
CA THR A 159 -12.41 20.52 -1.10
C THR A 159 -11.47 20.74 -2.30
N GLY A 160 -10.27 20.18 -2.23
CA GLY A 160 -9.41 20.06 -3.43
C GLY A 160 -9.62 18.70 -4.08
N VAL A 161 -9.02 18.51 -5.25
CA VAL A 161 -9.18 17.26 -6.01
C VAL A 161 -8.76 15.99 -5.22
N ASN A 162 -7.61 16.10 -4.55
CA ASN A 162 -7.00 14.97 -3.81
C ASN A 162 -7.66 14.69 -2.46
N GLY A 163 -8.58 15.55 -2.03
CA GLY A 163 -9.07 15.50 -0.66
C GLY A 163 -7.97 15.88 0.35
N ASP A 164 -8.28 15.70 1.63
CA ASP A 164 -7.38 16.14 2.69
C ASP A 164 -6.28 15.11 2.98
N SER A 165 -5.05 15.59 3.16
CA SER A 165 -3.91 14.77 3.56
C SER A 165 -4.23 13.68 4.57
N ARG A 166 -5.04 14.02 5.56
CA ARG A 166 -5.36 13.11 6.63
C ARG A 166 -6.19 11.91 6.17
N TYR A 167 -6.84 12.03 5.01
CA TYR A 167 -7.61 10.93 4.42
C TYR A 167 -6.71 9.77 4.02
N PHE A 168 -5.58 10.05 3.38
CA PHE A 168 -4.69 8.94 3.00
C PHE A 168 -3.86 8.39 4.18
N LEU A 169 -3.74 9.15 5.26
CA LEU A 169 -2.94 8.71 6.41
C LEU A 169 -3.62 7.64 7.20
N TRP A 170 -4.93 7.51 6.99
CA TRP A 170 -5.73 6.64 7.84
C TRP A 170 -5.24 5.19 7.82
N PRO A 171 -5.09 4.58 6.63
CA PRO A 171 -4.60 3.19 6.65
C PRO A 171 -3.23 3.01 7.29
N LEU A 172 -2.37 4.02 7.18
CA LEU A 172 -1.01 3.94 7.71
C LEU A 172 -0.97 4.24 9.21
N GLN A 173 -1.47 5.41 9.59
CA GLN A 173 -1.51 5.83 11.00
C GLN A 173 -2.41 4.95 11.86
N HIS A 174 -3.68 4.84 11.47
CA HIS A 174 -4.63 4.05 12.27
C HIS A 174 -4.62 2.55 11.98
N GLY A 175 -4.81 2.20 10.71
CA GLY A 175 -4.89 0.80 10.32
C GLY A 175 -3.60 0.01 10.58
N THR A 176 -2.46 0.70 10.48
CA THR A 176 -1.18 0.07 10.76
C THR A 176 -0.52 0.51 12.10
N LEU A 177 -0.05 1.75 12.19
CA LEU A 177 0.70 2.15 13.37
C LEU A 177 -0.11 2.02 14.67
N HIS A 178 -1.27 2.65 14.73
CA HIS A 178 -2.11 2.56 15.93
C HIS A 178 -2.44 1.12 16.24
N PHE A 179 -2.84 0.35 15.23
CA PHE A 179 -3.22 -1.04 15.44
C PHE A 179 -2.12 -1.84 16.15
N CYS A 180 -0.87 -1.42 15.95
CA CYS A 180 0.26 -2.17 16.50
C CYS A 180 0.66 -1.71 17.92
N GLY A 181 0.01 -0.67 18.40
CA GLY A 181 0.35 -0.12 19.71
C GLY A 181 1.09 1.21 19.68
N PHE A 182 1.48 1.70 18.51
CA PHE A 182 2.29 2.89 18.43
C PHE A 182 1.51 4.12 18.81
N LYS A 183 2.15 5.00 19.56
CA LYS A 183 1.67 6.35 19.64
C LYS A 183 2.25 7.00 18.40
N VAL A 184 1.42 7.80 17.74
CA VAL A 184 1.72 8.32 16.43
C VAL A 184 1.92 9.82 16.55
N LEU A 185 3.08 10.30 16.11
CA LEU A 185 3.34 11.73 16.06
C LEU A 185 2.79 12.34 14.76
N ALA A 186 2.51 13.64 14.79
CA ALA A 186 1.97 14.34 13.64
C ALA A 186 2.87 14.08 12.45
N PRO A 187 2.29 13.65 11.33
CA PRO A 187 3.07 13.40 10.14
C PRO A 187 3.90 14.62 9.81
N GLN A 188 5.04 14.40 9.18
CA GLN A 188 5.78 15.46 8.59
C GLN A 188 5.54 15.34 7.11
N ILE A 189 4.95 16.35 6.49
CA ILE A 189 4.68 16.29 5.06
C ILE A 189 5.38 17.39 4.29
N SER A 190 6.32 17.01 3.43
CA SER A 190 7.04 18.00 2.67
C SER A 190 6.41 18.06 1.29
N PHE A 191 5.42 18.94 1.12
CA PHE A 191 4.63 19.00 -0.12
C PHE A 191 5.45 19.40 -1.33
N ALA A 192 5.31 18.60 -2.38
CA ALA A 192 5.78 18.94 -3.74
C ALA A 192 7.18 19.54 -3.86
N PRO A 193 8.22 18.84 -3.35
CA PRO A 193 9.57 19.37 -3.45
C PRO A 193 10.08 19.62 -4.86
N GLU A 194 9.65 18.83 -5.84
CA GLU A 194 10.19 18.92 -7.21
C GLU A 194 9.93 20.30 -7.83
N ILE A 195 8.86 20.95 -7.38
CA ILE A 195 8.42 22.22 -7.94
C ILE A 195 8.65 23.42 -6.98
N ALA A 196 9.07 23.14 -5.75
CA ALA A 196 9.45 24.17 -4.81
C ALA A 196 10.80 24.75 -5.23
N SER A 197 11.05 26.01 -4.85
CA SER A 197 12.36 26.63 -5.07
C SER A 197 13.43 26.00 -4.19
N GLU A 198 14.68 26.18 -4.58
CA GLU A 198 15.83 25.77 -3.79
C GLU A 198 15.75 26.24 -2.33
N GLU A 199 15.14 27.41 -2.12
CA GLU A 199 14.99 27.99 -0.79
C GLU A 199 13.83 27.39 -0.01
N GLU A 200 12.73 27.11 -0.68
CA GLU A 200 11.61 26.41 -0.03
C GLU A 200 12.01 24.99 0.34
N ARG A 201 12.89 24.40 -0.47
CA ARG A 201 13.44 23.08 -0.22
C ARG A 201 14.33 23.08 1.00
N LYS A 202 15.34 23.96 0.99
CA LYS A 202 16.12 24.28 2.20
C LYS A 202 15.22 24.52 3.41
N GLY A 203 14.13 25.26 3.22
CA GLY A 203 13.22 25.56 4.32
C GLY A 203 12.52 24.33 4.89
N MET A 204 12.17 23.39 4.01
CA MET A 204 11.49 22.16 4.43
C MET A 204 12.44 21.19 5.14
N VAL A 205 13.66 21.09 4.62
CA VAL A 205 14.70 20.30 5.23
C VAL A 205 15.00 20.83 6.64
N ALA A 206 15.23 22.14 6.75
CA ALA A 206 15.56 22.76 8.04
C ALA A 206 14.40 22.61 9.02
N ALA A 207 13.18 22.76 8.53
CA ALA A 207 12.00 22.60 9.39
C ALA A 207 11.94 21.21 10.01
N TRP A 208 12.40 20.21 9.25
CA TRP A 208 12.51 18.81 9.69
C TRP A 208 13.58 18.62 10.77
N SER A 209 14.75 19.18 10.48
CA SER A 209 15.87 19.23 11.42
C SER A 209 15.45 19.95 12.71
N GLN A 210 14.92 21.17 12.56
CA GLN A 210 14.38 21.94 13.66
C GLN A 210 13.37 21.12 14.40
N ARG A 211 12.42 20.51 13.67
CA ARG A 211 11.44 19.69 14.38
C ARG A 211 12.03 18.49 15.17
N LEU A 212 13.07 17.83 14.65
CA LEU A 212 13.66 16.70 15.35
C LEU A 212 14.35 17.10 16.66
N GLN A 213 14.80 18.35 16.73
CA GLN A 213 15.35 18.91 17.96
C GLN A 213 14.49 18.69 19.19
N THR A 214 13.17 18.86 19.05
CA THR A 214 12.28 18.74 20.22
C THR A 214 11.32 17.57 20.09
N ILE A 215 11.67 16.64 19.20
CA ILE A 215 10.82 15.51 18.90
C ILE A 215 10.33 14.76 20.14
N TRP A 216 11.19 14.60 21.15
CA TRP A 216 10.86 13.86 22.39
C TRP A 216 9.92 14.61 23.35
N LYS A 217 9.77 15.92 23.14
CA LYS A 217 8.80 16.72 23.88
C LYS A 217 7.41 16.68 23.23
N GLU A 218 7.25 15.99 22.11
CA GLU A 218 5.99 16.09 21.36
C GLU A 218 4.86 15.26 21.93
N GLU A 219 3.65 15.74 21.77
CA GLU A 219 2.48 14.96 22.16
C GLU A 219 2.02 14.09 20.98
N PRO A 220 1.73 12.80 21.24
CA PRO A 220 1.13 11.92 20.23
C PRO A 220 -0.22 12.47 19.78
N ILE A 221 -0.50 12.43 18.47
CA ILE A 221 -1.84 12.77 17.97
C ILE A 221 -2.91 11.86 18.58
N PRO A 222 -4.17 12.34 18.62
CA PRO A 222 -5.27 11.43 18.91
C PRO A 222 -5.56 10.68 17.60
N CYS A 223 -5.30 9.38 17.59
CA CYS A 223 -5.38 8.64 16.35
C CYS A 223 -6.80 8.08 16.24
N THR A 224 -7.67 8.86 15.59
CA THR A 224 -9.10 8.60 15.64
C THR A 224 -9.73 8.95 14.30
N ALA A 225 -10.90 8.37 14.05
CA ALA A 225 -11.72 8.75 12.90
C ALA A 225 -11.91 10.27 12.79
N HIS A 226 -12.20 10.93 13.92
CA HIS A 226 -12.42 12.40 13.87
C HIS A 226 -11.17 13.14 13.42
N TRP A 227 -10.02 12.82 14.04
CA TRP A 227 -8.76 13.49 13.71
C TRP A 227 -8.47 13.43 12.20
N HIS A 228 -8.70 12.25 11.60
CA HIS A 228 -8.44 12.04 10.16
C HIS A 228 -9.55 12.61 9.28
N PHE A 229 -10.79 12.52 9.76
CA PHE A 229 -11.97 12.90 8.97
C PHE A 229 -12.84 13.92 9.73
N GLY B 3 -19.18 -7.74 -27.09
CA GLY B 3 -18.39 -8.64 -26.18
C GLY B 3 -17.32 -7.87 -25.42
N LYS B 4 -17.11 -8.23 -24.16
CA LYS B 4 -16.22 -7.45 -23.32
C LYS B 4 -14.96 -8.21 -22.94
N LYS B 5 -13.91 -7.46 -22.62
CA LYS B 5 -12.70 -8.04 -22.07
C LYS B 5 -12.53 -7.69 -20.59
N VAL B 6 -12.23 -8.69 -19.79
CA VAL B 6 -12.02 -8.53 -18.36
C VAL B 6 -10.61 -9.00 -17.99
N LEU B 7 -9.90 -8.19 -17.21
CA LEU B 7 -8.63 -8.58 -16.58
C LEU B 7 -8.85 -8.69 -15.09
N ILE B 8 -8.54 -9.84 -14.51
CA ILE B 8 -8.52 -9.99 -13.09
C ILE B 8 -7.06 -9.95 -12.61
N VAL B 9 -6.75 -8.97 -11.74
CA VAL B 9 -5.42 -8.93 -11.11
C VAL B 9 -5.60 -9.55 -9.73
N TYR B 10 -4.96 -10.70 -9.54
CA TYR B 10 -5.23 -11.58 -8.43
C TYR B 10 -4.00 -11.66 -7.57
N ALA B 11 -4.13 -11.43 -6.26
CA ALA B 11 -2.99 -11.40 -5.34
C ALA B 11 -3.21 -12.26 -4.11
N HIS B 12 -3.11 -13.57 -4.28
CA HIS B 12 -3.15 -14.53 -3.18
C HIS B 12 -2.19 -15.66 -3.48
N GLN B 13 -1.54 -16.19 -2.43
CA GLN B 13 -0.51 -17.22 -2.58
C GLN B 13 -1.10 -18.61 -2.79
N GLU B 14 -2.34 -18.81 -2.34
CA GLU B 14 -2.90 -20.15 -2.22
C GLU B 14 -4.13 -20.32 -3.10
N PRO B 15 -4.04 -21.20 -4.12
CA PRO B 15 -5.19 -21.43 -5.01
C PRO B 15 -6.44 -21.93 -4.30
N LYS B 16 -6.28 -22.62 -3.17
CA LYS B 16 -7.42 -23.18 -2.45
C LYS B 16 -8.00 -22.22 -1.43
N SER B 17 -7.53 -20.97 -1.46
CA SER B 17 -7.98 -19.97 -0.51
C SER B 17 -9.35 -19.45 -0.92
N PHE B 18 -9.98 -18.70 -0.01
CA PHE B 18 -11.23 -18.03 -0.28
C PHE B 18 -11.08 -17.02 -1.44
N ASN B 19 -9.96 -16.29 -1.47
CA ASN B 19 -9.63 -15.45 -2.64
C ASN B 19 -9.55 -16.25 -3.92
N GLY B 20 -8.82 -17.37 -3.88
CA GLY B 20 -8.76 -18.30 -5.01
C GLY B 20 -10.15 -18.65 -5.51
N SER B 21 -11.07 -18.97 -4.60
CA SER B 21 -12.46 -19.28 -4.95
C SER B 21 -13.17 -18.08 -5.62
N LEU B 22 -13.03 -16.90 -5.03
CA LEU B 22 -13.67 -15.72 -5.58
C LEU B 22 -13.16 -15.45 -6.99
N LYS B 23 -11.88 -15.75 -7.23
CA LYS B 23 -11.26 -15.54 -8.52
C LYS B 23 -11.79 -16.57 -9.53
N ASN B 24 -11.87 -17.82 -9.12
CA ASN B 24 -12.40 -18.86 -9.98
C ASN B 24 -13.86 -18.69 -10.33
N VAL B 25 -14.69 -18.23 -9.38
CA VAL B 25 -16.09 -18.03 -9.75
C VAL B 25 -16.24 -16.85 -10.72
N ALA B 26 -15.35 -15.86 -10.63
CA ALA B 26 -15.37 -14.74 -11.58
C ALA B 26 -15.01 -15.21 -12.97
N VAL B 27 -13.91 -15.95 -13.08
CA VAL B 27 -13.49 -16.52 -14.37
C VAL B 27 -14.67 -17.34 -14.94
N ASP B 28 -15.20 -18.28 -14.16
CA ASP B 28 -16.29 -19.14 -14.62
C ASP B 28 -17.48 -18.34 -15.09
N GLU B 29 -17.90 -17.38 -14.28
CA GLU B 29 -19.11 -16.64 -14.56
C GLU B 29 -18.96 -15.69 -15.78
N LEU B 30 -17.86 -14.97 -15.89
CA LEU B 30 -17.70 -14.07 -17.01
C LEU B 30 -17.45 -14.87 -18.29
N SER B 31 -16.69 -15.94 -18.14
CA SER B 31 -16.45 -16.91 -19.21
C SER B 31 -17.77 -17.51 -19.76
N ARG B 32 -18.66 -17.92 -18.85
CA ARG B 32 -19.97 -18.44 -19.20
C ARG B 32 -20.80 -17.37 -19.94
N GLN B 33 -20.66 -16.10 -19.55
CA GLN B 33 -21.28 -14.99 -20.27
C GLN B 33 -20.72 -14.80 -21.65
N GLY B 34 -19.56 -15.38 -21.97
CA GLY B 34 -18.99 -15.23 -23.31
C GLY B 34 -18.00 -14.08 -23.37
N CYS B 35 -17.66 -13.52 -22.19
CA CYS B 35 -16.61 -12.50 -22.02
C CYS B 35 -15.24 -13.11 -22.23
N THR B 36 -14.32 -12.26 -22.67
CA THR B 36 -12.91 -12.59 -22.78
C THR B 36 -12.28 -12.27 -21.42
N VAL B 37 -11.61 -13.27 -20.83
CA VAL B 37 -11.11 -13.17 -19.48
C VAL B 37 -9.60 -13.47 -19.47
N THR B 38 -8.85 -12.61 -18.74
CA THR B 38 -7.41 -12.78 -18.47
C THR B 38 -7.18 -12.63 -16.98
N VAL B 39 -6.32 -13.47 -16.42
CA VAL B 39 -5.90 -13.38 -15.03
C VAL B 39 -4.38 -13.14 -14.94
N SER B 40 -4.01 -12.06 -14.22
CA SER B 40 -2.65 -11.84 -13.77
C SER B 40 -2.58 -12.33 -12.33
N ASP B 41 -2.04 -13.53 -12.17
CA ASP B 41 -1.86 -14.17 -10.88
C ASP B 41 -0.48 -13.76 -10.33
N LEU B 42 -0.45 -12.63 -9.64
CA LEU B 42 0.79 -11.98 -9.32
C LEU B 42 1.81 -12.88 -8.64
N TYR B 43 1.40 -13.65 -7.64
CA TYR B 43 2.37 -14.48 -6.91
C TYR B 43 2.94 -15.60 -7.78
N ALA B 44 2.10 -16.15 -8.67
CA ALA B 44 2.54 -17.23 -9.54
C ALA B 44 3.48 -16.69 -10.58
N MET B 45 3.26 -15.46 -11.02
CA MET B 45 4.16 -14.82 -11.96
C MET B 45 5.47 -14.38 -11.27
N ASN B 46 5.53 -14.53 -9.94
CA ASN B 46 6.58 -13.92 -9.09
C ASN B 46 6.74 -12.46 -9.46
N PHE B 47 5.61 -11.77 -9.58
CA PHE B 47 5.61 -10.39 -10.02
C PHE B 47 6.51 -9.48 -9.15
N GLU B 48 7.34 -8.67 -9.83
CA GLU B 48 8.31 -7.80 -9.18
C GLU B 48 7.63 -6.49 -8.68
N PRO B 49 7.64 -6.27 -7.38
CA PRO B 49 6.94 -5.09 -6.85
C PRO B 49 7.78 -3.84 -6.71
N ARG B 50 9.11 -3.99 -6.68
CA ARG B 50 10.00 -2.87 -6.40
C ARG B 50 10.16 -1.99 -7.64
N ALA B 51 9.96 -0.69 -7.43
CA ALA B 51 10.17 0.32 -8.46
C ALA B 51 11.66 0.65 -8.43
N THR B 52 12.41 0.03 -9.33
CA THR B 52 13.86 0.29 -9.43
C THR B 52 14.26 0.74 -10.84
N ASP B 53 15.53 1.11 -10.97
CA ASP B 53 16.07 1.51 -12.28
C ASP B 53 16.22 0.34 -13.24
N LYS B 54 16.04 -0.89 -12.74
CA LYS B 54 15.90 -2.04 -13.60
C LYS B 54 14.65 -1.98 -14.50
N ASP B 55 13.72 -1.07 -14.22
CA ASP B 55 12.46 -1.00 -14.98
C ASP B 55 12.65 -0.23 -16.29
N ILE B 56 13.79 0.42 -16.44
CA ILE B 56 14.15 1.11 -17.68
C ILE B 56 15.36 0.41 -18.32
N THR B 57 15.24 0.08 -19.61
CA THR B 57 16.35 -0.55 -20.34
C THR B 57 17.18 0.42 -21.22
N GLY B 58 16.61 1.54 -21.64
CA GLY B 58 17.37 2.51 -22.44
C GLY B 58 18.32 3.40 -21.64
N THR B 59 18.91 4.39 -22.30
CA THR B 59 19.68 5.43 -21.62
C THR B 59 18.74 6.19 -20.69
N LEU B 60 19.18 6.45 -19.45
CA LEU B 60 18.40 7.24 -18.51
C LEU B 60 18.44 8.70 -18.90
N SER B 61 17.33 9.39 -18.66
CA SER B 61 17.22 10.81 -18.93
C SER B 61 18.26 11.60 -18.13
N ASN B 62 18.21 11.44 -16.81
CA ASN B 62 19.18 12.03 -15.91
C ASN B 62 19.86 10.93 -15.12
N PRO B 63 20.96 10.39 -15.65
CA PRO B 63 21.68 9.29 -14.97
C PRO B 63 22.37 9.71 -13.67
N GLU B 64 22.55 11.03 -13.44
CA GLU B 64 23.25 11.55 -12.24
C GLU B 64 22.34 11.43 -10.99
N VAL B 65 21.05 11.71 -11.17
CA VAL B 65 20.07 11.59 -10.09
C VAL B 65 18.83 10.81 -10.61
N PHE B 66 18.65 9.59 -10.10
CA PHE B 66 17.55 8.74 -10.54
C PHE B 66 16.22 9.13 -9.91
N ASN B 67 15.30 9.60 -10.75
CA ASN B 67 13.92 9.88 -10.35
C ASN B 67 13.06 8.85 -11.08
N TYR B 68 12.44 7.96 -10.30
CA TYR B 68 11.66 6.85 -10.82
C TYR B 68 10.52 7.26 -11.77
N GLY B 69 9.70 8.22 -11.34
CA GLY B 69 8.56 8.66 -12.13
C GLY B 69 8.97 9.40 -13.42
N VAL B 70 10.03 10.21 -13.36
CA VAL B 70 10.55 10.91 -14.53
C VAL B 70 11.06 9.87 -15.52
N GLU B 71 11.93 8.99 -15.03
CA GLU B 71 12.53 7.97 -15.87
C GLU B 71 11.50 7.02 -16.51
N THR B 72 10.48 6.59 -15.76
CA THR B 72 9.50 5.66 -16.33
C THR B 72 8.53 6.33 -17.31
N HIS B 73 8.20 7.61 -17.08
CA HIS B 73 7.45 8.38 -18.06
C HIS B 73 8.19 8.41 -19.42
N GLU B 74 9.48 8.71 -19.35
CA GLU B 74 10.34 8.78 -20.53
C GLU B 74 10.49 7.44 -21.21
N ALA B 75 10.79 6.41 -20.43
CA ALA B 75 10.90 5.07 -20.95
C ALA B 75 9.60 4.58 -21.58
N TYR B 76 8.46 5.00 -21.04
CA TYR B 76 7.16 4.65 -21.61
C TYR B 76 7.02 5.19 -23.04
N LYS B 77 7.25 6.49 -23.18
CA LYS B 77 7.17 7.19 -24.47
C LYS B 77 8.20 6.62 -25.45
N GLN B 78 9.32 6.16 -24.93
CA GLN B 78 10.41 5.60 -25.74
C GLN B 78 10.31 4.10 -26.03
N ARG B 79 9.36 3.42 -25.36
CA ARG B 79 9.22 1.96 -25.37
C ARG B 79 10.49 1.27 -24.85
N SER B 80 11.00 1.77 -23.74
CA SER B 80 12.17 1.16 -23.16
C SER B 80 11.92 0.67 -21.74
N LEU B 81 10.65 0.46 -21.40
CA LEU B 81 10.27 -0.13 -20.10
C LEU B 81 10.47 -1.61 -20.12
N ALA B 82 10.78 -2.20 -18.96
CA ALA B 82 10.90 -3.66 -18.84
C ALA B 82 9.61 -4.30 -19.34
N SER B 83 9.73 -5.53 -19.83
CA SER B 83 8.61 -6.15 -20.54
C SER B 83 7.54 -6.74 -19.61
N ASP B 84 7.88 -7.01 -18.35
CA ASP B 84 6.85 -7.46 -17.39
C ASP B 84 5.83 -6.34 -17.17
N ILE B 85 6.32 -5.10 -17.20
CA ILE B 85 5.50 -3.90 -17.11
C ILE B 85 4.66 -3.73 -18.38
N THR B 86 5.29 -3.76 -19.56
CA THR B 86 4.52 -3.53 -20.78
C THR B 86 3.54 -4.69 -21.02
N ASP B 87 3.89 -5.91 -20.65
CA ASP B 87 2.88 -7.00 -20.71
C ASP B 87 1.61 -6.73 -19.88
N GLU B 88 1.75 -6.11 -18.71
CA GLU B 88 0.53 -5.77 -17.92
C GLU B 88 -0.26 -4.65 -18.55
N GLN B 89 0.44 -3.68 -19.10
CA GLN B 89 -0.16 -2.52 -19.73
C GLN B 89 -1.03 -2.91 -20.92
N LYS B 90 -0.60 -3.91 -21.65
CA LYS B 90 -1.34 -4.41 -22.80
C LYS B 90 -2.67 -5.03 -22.35
N LYS B 91 -2.63 -5.80 -21.26
CA LYS B 91 -3.86 -6.38 -20.65
C LYS B 91 -4.82 -5.30 -20.15
N VAL B 92 -4.27 -4.28 -19.52
CA VAL B 92 -5.10 -3.18 -19.07
C VAL B 92 -5.68 -2.41 -20.25
N ARG B 93 -4.85 -2.11 -21.24
CA ARG B 93 -5.25 -1.29 -22.39
C ARG B 93 -6.43 -1.94 -23.08
N GLU B 94 -6.35 -3.26 -23.27
CA GLU B 94 -7.40 -3.99 -23.94
C GLU B 94 -8.61 -4.27 -23.07
N ALA B 95 -8.47 -4.18 -21.75
CA ALA B 95 -9.56 -4.54 -20.85
C ALA B 95 -10.69 -3.48 -20.83
N ASP B 96 -11.93 -3.97 -20.68
CA ASP B 96 -13.08 -3.10 -20.43
C ASP B 96 -13.31 -2.99 -18.93
N LEU B 97 -13.01 -4.05 -18.21
CA LEU B 97 -13.24 -4.11 -16.77
C LEU B 97 -12.01 -4.77 -16.14
N VAL B 98 -11.50 -4.15 -15.08
CA VAL B 98 -10.41 -4.70 -14.28
C VAL B 98 -10.92 -4.95 -12.87
N ILE B 99 -10.88 -6.21 -12.48
CA ILE B 99 -11.23 -6.60 -11.13
C ILE B 99 -9.92 -6.86 -10.41
N PHE B 100 -9.77 -6.31 -9.20
CA PHE B 100 -8.67 -6.66 -8.31
C PHE B 100 -9.20 -7.58 -7.26
N GLN B 101 -8.52 -8.72 -7.09
CA GLN B 101 -8.94 -9.69 -6.11
C GLN B 101 -7.80 -9.92 -5.12
N PHE B 102 -8.05 -9.58 -3.84
CA PHE B 102 -7.02 -9.59 -2.83
C PHE B 102 -7.56 -9.58 -1.38
N PRO B 103 -6.79 -10.18 -0.45
CA PRO B 103 -6.99 -9.99 0.99
C PRO B 103 -6.50 -8.61 1.39
N LEU B 104 -7.26 -7.93 2.23
CA LEU B 104 -6.83 -6.68 2.76
C LEU B 104 -5.57 -6.92 3.60
N TYR B 105 -4.51 -6.15 3.34
CA TYR B 105 -3.29 -6.24 4.15
C TYR B 105 -3.03 -4.83 4.65
N TRP B 106 -3.16 -4.64 5.96
CA TRP B 106 -2.86 -3.35 6.58
C TRP B 106 -3.69 -2.26 5.96
N PHE B 107 -5.00 -2.50 5.90
CA PHE B 107 -5.97 -1.53 5.38
C PHE B 107 -5.74 -1.19 3.93
N SER B 108 -5.05 -2.07 3.18
CA SER B 108 -4.66 -1.83 1.80
C SER B 108 -4.45 -3.14 1.05
N VAL B 109 -3.81 -3.04 -0.11
CA VAL B 109 -3.50 -4.17 -0.93
C VAL B 109 -2.19 -4.86 -0.46
N PRO B 110 -2.06 -6.17 -0.68
CA PRO B 110 -0.71 -6.77 -0.47
C PRO B 110 0.36 -6.07 -1.31
N ALA B 111 1.60 -6.06 -0.80
CA ALA B 111 2.69 -5.34 -1.45
C ALA B 111 2.89 -5.74 -2.92
N ILE B 112 2.73 -7.03 -3.23
CA ILE B 112 2.92 -7.46 -4.62
C ILE B 112 1.96 -6.72 -5.54
N LEU B 113 0.75 -6.48 -5.06
CA LEU B 113 -0.24 -5.74 -5.82
C LEU B 113 0.05 -4.24 -5.77
N LYS B 114 0.55 -3.74 -4.64
CA LYS B 114 0.93 -2.32 -4.61
C LYS B 114 2.03 -2.07 -5.66
N GLY B 115 2.91 -3.01 -5.82
CA GLY B 115 3.98 -2.87 -6.82
C GLY B 115 3.46 -2.89 -8.24
N TRP B 116 2.41 -3.67 -8.48
CA TRP B 116 1.72 -3.66 -9.76
C TRP B 116 1.22 -2.24 -9.99
N MET B 117 0.49 -1.64 -9.04
CA MET B 117 0.03 -0.26 -9.22
CA MET B 117 0.03 -0.24 -9.14
C MET B 117 1.20 0.69 -9.42
N ASP B 118 2.26 0.53 -8.62
CA ASP B 118 3.38 1.47 -8.70
C ASP B 118 4.06 1.41 -10.07
N ARG B 119 4.20 0.21 -10.62
CA ARG B 119 5.05 0.01 -11.76
C ARG B 119 4.28 0.01 -13.09
N VAL B 120 3.05 -0.51 -13.10
CA VAL B 120 2.25 -0.61 -14.31
C VAL B 120 1.47 0.69 -14.66
N LEU B 121 1.02 1.42 -13.64
CA LEU B 121 0.23 2.61 -13.87
C LEU B 121 1.12 3.83 -13.97
N CYS B 122 1.97 3.86 -14.98
CA CYS B 122 3.00 4.90 -15.06
C CYS B 122 2.47 6.12 -15.81
N GLN B 123 3.16 7.23 -15.63
CA GLN B 123 2.84 8.46 -16.33
C GLN B 123 3.02 8.25 -17.81
N GLY B 124 2.08 8.74 -18.60
CA GLY B 124 2.13 8.52 -20.03
C GLY B 124 1.19 7.39 -20.42
N PHE B 125 1.05 6.42 -19.54
CA PHE B 125 0.14 5.29 -19.78
C PHE B 125 -1.22 5.45 -19.08
N ALA B 126 -1.21 5.64 -17.76
CA ALA B 126 -2.45 5.65 -16.98
C ALA B 126 -2.98 7.07 -16.69
N PHE B 127 -2.09 8.04 -16.73
CA PHE B 127 -2.43 9.42 -16.42
C PHE B 127 -1.34 10.30 -17.04
N ASP B 128 -1.65 11.58 -17.15
CA ASP B 128 -0.62 12.55 -17.44
C ASP B 128 -0.84 13.76 -16.54
N ILE B 129 0.14 14.65 -16.52
CA ILE B 129 0.04 15.91 -15.76
C ILE B 129 0.09 17.01 -16.80
N PRO B 130 -1.10 17.51 -17.24
CA PRO B 130 -2.45 17.26 -16.73
C PRO B 130 -3.08 16.07 -17.47
N GLY B 131 -4.27 15.65 -17.06
CA GLY B 131 -4.87 14.42 -17.58
C GLY B 131 -4.98 13.35 -16.52
N PHE B 132 -5.75 13.66 -15.47
CA PHE B 132 -6.00 12.74 -14.40
C PHE B 132 -7.42 12.94 -13.88
N TYR B 133 -7.82 12.15 -12.90
CA TYR B 133 -9.22 12.02 -12.49
C TYR B 133 -10.09 11.89 -13.74
N ASP B 134 -11.11 12.73 -13.90
CA ASP B 134 -12.05 12.54 -15.02
C ASP B 134 -11.36 12.64 -16.39
N SER B 135 -10.15 13.19 -16.41
CA SER B 135 -9.33 13.25 -17.63
C SER B 135 -8.21 12.19 -17.66
N GLY B 136 -8.21 11.27 -16.68
CA GLY B 136 -7.22 10.19 -16.67
C GLY B 136 -7.27 9.42 -17.97
N LEU B 137 -6.14 8.86 -18.36
CA LEU B 137 -5.99 8.23 -19.66
C LEU B 137 -6.71 6.91 -19.79
N LEU B 138 -7.09 6.30 -18.68
CA LEU B 138 -7.84 5.05 -18.74
C LEU B 138 -9.36 5.29 -18.66
N GLN B 139 -9.79 6.50 -19.01
CA GLN B 139 -11.23 6.83 -19.02
C GLN B 139 -12.00 5.86 -19.92
N GLY B 140 -13.17 5.45 -19.45
CA GLY B 140 -13.99 4.51 -20.19
C GLY B 140 -13.87 3.08 -19.67
N LYS B 141 -12.88 2.84 -18.81
CA LYS B 141 -12.70 1.50 -18.27
C LYS B 141 -13.38 1.45 -16.94
N LEU B 142 -13.87 0.27 -16.60
CA LEU B 142 -14.41 0.00 -15.30
C LEU B 142 -13.37 -0.72 -14.41
N ALA B 143 -13.45 -0.47 -13.10
CA ALA B 143 -12.60 -1.14 -12.14
C ALA B 143 -13.44 -1.49 -10.94
N LEU B 144 -13.09 -2.59 -10.30
CA LEU B 144 -13.84 -3.13 -9.17
C LEU B 144 -12.87 -3.76 -8.18
N LEU B 145 -12.94 -3.35 -6.91
CA LEU B 145 -12.16 -4.00 -5.88
C LEU B 145 -12.95 -5.14 -5.28
N SER B 146 -12.37 -6.33 -5.26
CA SER B 146 -13.01 -7.42 -4.52
C SER B 146 -12.07 -7.85 -3.40
N VAL B 147 -12.42 -7.42 -2.20
CA VAL B 147 -11.55 -7.47 -1.04
C VAL B 147 -12.07 -8.47 -0.02
N THR B 148 -11.18 -9.28 0.52
CA THR B 148 -11.54 -10.08 1.69
C THR B 148 -10.87 -9.52 2.95
N THR B 149 -11.57 -9.59 4.09
CA THR B 149 -11.03 -9.10 5.36
C THR B 149 -10.90 -10.19 6.43
N GLY B 150 -10.02 -9.94 7.40
CA GLY B 150 -9.95 -10.70 8.65
C GLY B 150 -10.99 -10.18 9.65
N GLY B 151 -11.20 -8.87 9.68
CA GLY B 151 -12.20 -8.23 10.56
C GLY B 151 -13.65 -8.42 10.10
N THR B 152 -14.58 -8.43 11.06
CA THR B 152 -15.99 -8.62 10.73
C THR B 152 -16.60 -7.33 10.21
N ALA B 153 -17.77 -7.45 9.57
CA ALA B 153 -18.54 -6.28 9.15
C ALA B 153 -18.82 -5.30 10.32
N GLU B 154 -19.18 -5.85 11.49
CA GLU B 154 -19.45 -5.04 12.70
C GLU B 154 -18.22 -4.21 13.11
N MET B 155 -17.03 -4.81 13.08
CA MET B 155 -15.79 -4.07 13.41
C MET B 155 -15.55 -2.94 12.43
N TYR B 156 -15.90 -3.16 11.16
CA TYR B 156 -15.73 -2.13 10.13
C TYR B 156 -16.93 -1.19 9.98
N THR B 157 -17.33 -0.55 11.09
CA THR B 157 -18.40 0.46 11.08
C THR B 157 -17.95 1.85 11.55
N LYS B 158 -18.76 2.85 11.22
CA LYS B 158 -18.51 4.24 11.60
C LYS B 158 -18.07 4.38 13.08
N THR B 159 -18.72 3.61 13.96
CA THR B 159 -18.41 3.65 15.41
C THR B 159 -17.64 2.41 15.88
N GLY B 160 -17.29 1.51 14.96
CA GLY B 160 -16.46 0.33 15.25
C GLY B 160 -14.99 0.69 15.45
N VAL B 161 -14.18 -0.31 15.82
CA VAL B 161 -12.74 -0.07 16.08
C VAL B 161 -11.99 0.31 14.81
N ASN B 162 -12.20 -0.49 13.77
CA ASN B 162 -11.61 -0.29 12.46
C ASN B 162 -12.12 0.96 11.71
N GLY B 163 -13.22 1.56 12.18
CA GLY B 163 -13.93 2.57 11.38
C GLY B 163 -14.67 1.94 10.19
N ASP B 164 -15.41 2.76 9.43
CA ASP B 164 -16.11 2.25 8.25
C ASP B 164 -15.12 1.69 7.21
N SER B 165 -15.50 0.57 6.59
CA SER B 165 -14.73 -0.05 5.51
C SER B 165 -14.43 0.89 4.35
N ARG B 166 -15.30 1.87 4.11
CA ARG B 166 -15.08 2.82 3.02
C ARG B 166 -13.87 3.75 3.22
N TYR B 167 -13.52 4.02 4.48
CA TYR B 167 -12.35 4.85 4.78
C TYR B 167 -11.08 4.29 4.13
N PHE B 168 -10.88 2.96 4.21
CA PHE B 168 -9.67 2.35 3.64
C PHE B 168 -9.72 2.22 2.09
N LEU B 169 -10.89 2.45 1.50
CA LEU B 169 -11.02 2.33 0.06
C LEU B 169 -10.51 3.55 -0.65
N TRP B 170 -10.51 4.66 0.07
CA TRP B 170 -10.10 5.95 -0.49
C TRP B 170 -8.81 5.98 -1.32
N PRO B 171 -7.65 5.56 -0.75
CA PRO B 171 -6.41 5.57 -1.52
C PRO B 171 -6.49 4.76 -2.81
N LEU B 172 -7.17 3.62 -2.74
CA LEU B 172 -7.34 2.72 -3.89
C LEU B 172 -8.37 3.24 -4.90
N GLN B 173 -9.60 3.43 -4.45
CA GLN B 173 -10.66 3.87 -5.36
C GLN B 173 -10.39 5.27 -5.94
N HIS B 174 -10.13 6.25 -5.08
CA HIS B 174 -10.01 7.64 -5.53
C HIS B 174 -8.58 7.98 -5.92
N GLY B 175 -7.65 7.68 -5.03
CA GLY B 175 -6.28 8.10 -5.25
C GLY B 175 -5.63 7.39 -6.42
N THR B 176 -6.03 6.15 -6.68
CA THR B 176 -5.45 5.36 -7.76
C THR B 176 -6.40 5.18 -8.95
N LEU B 177 -7.48 4.45 -8.77
CA LEU B 177 -8.34 4.13 -9.91
C LEU B 177 -9.01 5.38 -10.55
N HIS B 178 -9.75 6.17 -9.77
CA HIS B 178 -10.39 7.40 -10.28
C HIS B 178 -9.35 8.35 -10.88
N PHE B 179 -8.21 8.47 -10.22
CA PHE B 179 -7.12 9.31 -10.71
C PHE B 179 -6.65 8.90 -12.11
N CYS B 180 -6.64 7.60 -12.40
CA CYS B 180 -6.27 7.10 -13.74
C CYS B 180 -7.43 7.18 -14.76
N GLY B 181 -8.60 7.61 -14.30
CA GLY B 181 -9.76 7.72 -15.18
C GLY B 181 -10.77 6.60 -15.14
N PHE B 182 -10.55 5.56 -14.34
CA PHE B 182 -11.54 4.47 -14.27
C PHE B 182 -12.89 4.96 -13.70
N LYS B 183 -13.98 4.35 -14.16
CA LYS B 183 -15.22 4.44 -13.43
C LYS B 183 -15.11 3.30 -12.42
N VAL B 184 -15.27 3.62 -11.15
CA VAL B 184 -15.17 2.64 -10.09
C VAL B 184 -16.54 2.05 -9.75
N LEU B 185 -16.65 0.72 -9.83
CA LEU B 185 -17.86 0.01 -9.44
C LEU B 185 -17.83 -0.20 -7.94
N ALA B 186 -19.00 -0.42 -7.35
CA ALA B 186 -19.08 -0.61 -5.91
C ALA B 186 -18.24 -1.81 -5.48
N PRO B 187 -17.46 -1.66 -4.40
CA PRO B 187 -16.51 -2.67 -4.01
C PRO B 187 -17.26 -3.93 -3.59
N GLN B 188 -16.64 -5.08 -3.78
CA GLN B 188 -17.22 -6.29 -3.25
C GLN B 188 -16.39 -6.60 -2.04
N ILE B 189 -17.00 -6.56 -0.86
CA ILE B 189 -16.26 -6.87 0.35
C ILE B 189 -16.80 -8.10 1.00
N SER B 190 -15.93 -9.09 1.10
CA SER B 190 -16.26 -10.35 1.74
C SER B 190 -15.66 -10.41 3.15
N PHE B 191 -16.46 -10.04 4.16
CA PHE B 191 -15.95 -9.90 5.54
C PHE B 191 -15.64 -11.22 6.20
N ALA B 192 -14.47 -11.27 6.83
CA ALA B 192 -14.08 -12.32 7.77
C ALA B 192 -14.44 -13.74 7.35
N PRO B 193 -13.98 -14.20 6.17
CA PRO B 193 -14.31 -15.59 5.80
C PRO B 193 -13.77 -16.67 6.76
N GLU B 194 -12.66 -16.39 7.44
CA GLU B 194 -12.07 -17.35 8.37
C GLU B 194 -13.00 -17.60 9.55
N ILE B 195 -13.66 -16.55 10.02
CA ILE B 195 -14.64 -16.65 11.12
C ILE B 195 -15.98 -17.25 10.67
N ALA B 196 -16.46 -16.82 9.50
CA ALA B 196 -17.75 -17.27 8.98
C ALA B 196 -17.87 -18.80 8.94
N SER B 197 -19.11 -19.30 9.00
CA SER B 197 -19.41 -20.73 8.86
C SER B 197 -19.34 -21.15 7.40
N GLU B 198 -19.33 -22.46 7.19
CA GLU B 198 -19.34 -23.07 5.85
C GLU B 198 -20.46 -22.53 4.96
N GLU B 199 -21.68 -22.44 5.50
CA GLU B 199 -22.84 -21.90 4.78
C GLU B 199 -22.67 -20.42 4.48
N GLU B 200 -22.04 -19.68 5.39
CA GLU B 200 -21.89 -18.25 5.21
C GLU B 200 -20.85 -17.95 4.13
N ARG B 201 -19.79 -18.74 4.10
CA ARG B 201 -18.76 -18.65 3.07
C ARG B 201 -19.33 -18.95 1.70
N LYS B 202 -20.06 -20.06 1.59
CA LYS B 202 -20.71 -20.44 0.34
C LYS B 202 -21.68 -19.37 -0.09
N GLY B 203 -22.33 -18.74 0.89
CA GLY B 203 -23.20 -17.62 0.62
C GLY B 203 -22.47 -16.41 0.09
N MET B 204 -21.25 -16.15 0.59
CA MET B 204 -20.44 -15.04 0.07
C MET B 204 -19.92 -15.32 -1.36
N VAL B 205 -19.52 -16.56 -1.63
CA VAL B 205 -19.08 -16.97 -2.95
C VAL B 205 -20.22 -16.87 -3.99
N ALA B 206 -21.40 -17.36 -3.63
CA ALA B 206 -22.58 -17.25 -4.50
C ALA B 206 -23.04 -15.80 -4.67
N ALA B 207 -22.98 -14.98 -3.62
CA ALA B 207 -23.32 -13.55 -3.79
C ALA B 207 -22.43 -12.80 -4.84
N TRP B 208 -21.15 -13.16 -4.90
CA TRP B 208 -20.20 -12.58 -5.86
C TRP B 208 -20.55 -13.06 -7.25
N SER B 209 -20.69 -14.37 -7.37
CA SER B 209 -21.13 -15.04 -8.59
C SER B 209 -22.42 -14.43 -9.14
N GLN B 210 -23.41 -14.30 -8.27
CA GLN B 210 -24.71 -13.68 -8.59
C GLN B 210 -24.55 -12.23 -9.04
N ARG B 211 -23.71 -11.46 -8.36
CA ARG B 211 -23.52 -10.06 -8.74
C ARG B 211 -22.90 -9.92 -10.15
N LEU B 212 -21.98 -10.83 -10.46
CA LEU B 212 -21.29 -10.78 -11.74
C LEU B 212 -22.23 -10.98 -12.94
N GLN B 213 -23.35 -11.68 -12.71
CA GLN B 213 -24.35 -11.86 -13.76
C GLN B 213 -24.85 -10.55 -14.32
N THR B 214 -24.96 -9.53 -13.47
CA THR B 214 -25.58 -8.26 -13.88
C THR B 214 -24.57 -7.11 -13.90
N ILE B 215 -23.28 -7.45 -13.82
CA ILE B 215 -22.20 -6.49 -13.68
C ILE B 215 -22.14 -5.40 -14.74
N TRP B 216 -22.50 -5.71 -15.98
CA TRP B 216 -22.47 -4.72 -17.07
C TRP B 216 -23.64 -3.73 -17.06
N LYS B 217 -24.64 -4.02 -16.22
CA LYS B 217 -25.78 -3.14 -16.02
C LYS B 217 -25.58 -2.14 -14.88
N GLU B 218 -24.51 -2.33 -14.10
CA GLU B 218 -24.23 -1.47 -12.93
C GLU B 218 -23.71 -0.11 -13.33
N GLU B 219 -23.94 0.88 -12.49
CA GLU B 219 -23.38 2.21 -12.69
C GLU B 219 -22.20 2.32 -11.75
N PRO B 220 -21.25 3.20 -12.04
CA PRO B 220 -20.18 3.42 -11.05
C PRO B 220 -20.65 4.15 -9.76
N ILE B 221 -19.89 4.02 -8.68
CA ILE B 221 -20.08 4.89 -7.52
C ILE B 221 -19.71 6.33 -7.84
N PRO B 222 -20.30 7.30 -7.11
CA PRO B 222 -19.69 8.64 -7.17
C PRO B 222 -18.43 8.56 -6.32
N CYS B 223 -17.26 8.60 -6.95
CA CYS B 223 -16.03 8.37 -6.21
C CYS B 223 -15.56 9.70 -5.57
N THR B 224 -16.20 10.05 -4.45
CA THR B 224 -15.99 11.36 -3.87
C THR B 224 -15.70 11.20 -2.40
N ALA B 225 -15.11 12.25 -1.83
CA ALA B 225 -14.99 12.41 -0.39
C ALA B 225 -16.28 12.06 0.37
N HIS B 226 -17.41 12.60 -0.09
CA HIS B 226 -18.68 12.34 0.58
C HIS B 226 -19.09 10.86 0.60
N TRP B 227 -18.98 10.17 -0.55
CA TRP B 227 -19.23 8.72 -0.60
C TRP B 227 -18.37 7.96 0.41
N HIS B 228 -17.10 8.32 0.49
CA HIS B 228 -16.15 7.56 1.31
C HIS B 228 -16.28 7.89 2.79
N PHE B 229 -16.49 9.18 3.08
CA PHE B 229 -16.41 9.66 4.47
C PHE B 229 -17.69 10.26 5.01
N GLY B 230 -18.58 10.72 4.13
CA GLY B 230 -19.86 11.31 4.55
C GLY B 230 -19.73 12.81 4.78
ZN ZN C . -5.96 5.27 15.33
PA FAD D . 13.30 14.67 -5.61
O1A FAD D . 12.95 14.84 -7.07
O2A FAD D . 14.39 13.67 -5.43
O5B FAD D . 13.66 16.11 -4.99
C5B FAD D . 13.21 17.33 -5.54
C4B FAD D . 14.43 18.21 -5.77
O4B FAD D . 15.06 18.49 -4.53
C3B FAD D . 15.49 17.54 -6.63
O3B FAD D . 15.90 18.48 -7.61
C2B FAD D . 16.65 17.22 -5.69
O2B FAD D . 17.93 17.30 -6.26
C1B FAD D . 16.46 18.31 -4.66
N9A FAD D . 17.12 18.06 -3.35
C8A FAD D . 17.61 16.91 -2.78
N7A FAD D . 18.10 17.21 -1.56
C5A FAD D . 17.96 18.54 -1.35
C6A FAD D . 18.29 19.41 -0.30
N6A FAD D . 18.91 18.99 0.80
N1A FAD D . 17.98 20.75 -0.40
C2A FAD D . 17.38 21.25 -1.53
N3A FAD D . 17.05 20.40 -2.57
C4A FAD D . 17.34 19.08 -2.47
N1 FAD D . 2.56 12.23 -5.57
C2 FAD D . 1.42 12.53 -4.91
O2 FAD D . 1.27 13.65 -4.46
N3 FAD D . 0.43 11.58 -4.73
C4 FAD D . 0.58 10.30 -5.17
O4 FAD D . -0.35 9.49 -4.96
C4X FAD D . 1.74 9.96 -5.85
N5 FAD D . 1.90 8.70 -6.38
C5X FAD D . 3.10 8.37 -7.02
C6 FAD D . 3.29 7.09 -7.52
C7 FAD D . 4.48 6.78 -8.19
C7M FAD D . 4.66 5.36 -8.69
C8 FAD D . 5.46 7.76 -8.34
C8M FAD D . 6.77 7.49 -9.04
C9 FAD D . 5.27 9.06 -7.84
C9A FAD D . 4.10 9.34 -7.17
N10 FAD D . 3.89 10.61 -6.68
C10 FAD D . 2.72 10.93 -6.04
C1' FAD D . 4.96 11.69 -6.84
C2' FAD D . 5.95 11.50 -5.66
O2' FAD D . 5.28 11.34 -4.42
C3' FAD D . 6.96 12.65 -5.65
O3' FAD D . 7.65 12.60 -6.90
C4' FAD D . 7.97 12.54 -4.50
O4' FAD D . 7.32 12.53 -3.23
C5' FAD D . 9.11 13.58 -4.55
O5' FAD D . 10.13 13.21 -3.61
P FAD D . 11.65 12.91 -4.08
O1P FAD D . 11.78 11.76 -5.07
O2P FAD D . 12.54 12.69 -2.88
O3P FAD D . 11.95 14.32 -4.81
C1 52X E . -4.78 -6.55 10.90
I1 52X E . -8.53 -4.75 11.86
N1 52X E . -5.54 -5.42 11.14
O1 52X E . -10.46 -11.41 13.65
C2 52X E . -3.44 -6.84 10.62
N2 52X E . -8.95 -10.16 12.61
O2 52X E . -2.93 -12.75 10.22
C3 52X E . -3.04 -8.18 10.42
N3 52X E . -3.78 -10.59 10.35
O3 52X E . -1.56 -10.89 10.06
C4 52X E . -3.96 -9.25 10.52
C5 52X E . -5.28 -9.01 10.80
C6 52X E . -5.69 -7.73 11.00
C7 52X E . -7.04 -7.29 11.30
C8 52X E . -6.80 -5.86 11.37
C11 52X E . -8.30 -8.09 11.49
C12 52X E . -8.12 -8.98 12.71
C14 52X E . -9.95 -10.32 13.45
C15 52X E . -10.43 -9.08 14.11
C18 52X E . -2.69 -11.31 10.21
C33 52X E . -2.30 -13.57 11.22
ZN ZN F . -12.79 9.48 -6.57
PA FAD G . -8.95 -18.25 3.70
O1A FAD G . -8.17 -18.53 4.97
O2A FAD G . -8.34 -18.90 2.50
O5B FAD G . -10.50 -18.64 3.79
C5B FAD G . -11.11 -18.98 5.01
C4B FAD G . -11.83 -20.30 4.80
O4B FAD G . -12.62 -20.26 3.61
C3B FAD G . -10.85 -21.45 4.63
O3B FAD G . -11.19 -22.47 5.54
C2B FAD G . -11.09 -21.94 3.22
O2B FAD G . -10.94 -23.32 3.12
C1B FAD G . -12.53 -21.54 3.00
N9A FAD G . -12.88 -21.56 1.58
C8A FAD G . -12.04 -21.40 0.50
N7A FAD G . -12.78 -21.48 -0.63
C5A FAD G . -14.08 -21.70 -0.29
C6A FAD G . -15.26 -21.86 -1.04
N6A FAD G . -15.20 -22.13 -2.34
N1A FAD G . -16.45 -22.07 -0.39
C2A FAD G . -16.51 -22.13 0.99
N3A FAD G . -15.34 -21.97 1.73
C4A FAD G . -14.14 -21.75 1.10
N1 FAD G . -7.59 -8.11 7.94
C2 FAD G . -8.24 -6.92 8.16
O2 FAD G . -9.46 -6.95 8.39
N3 FAD G . -7.53 -5.73 8.13
C4 FAD G . -6.18 -5.74 7.87
O4 FAD G . -5.55 -4.67 7.82
C4X FAD G . -5.53 -6.95 7.65
N5 FAD G . -4.19 -6.96 7.41
C5X FAD G . -3.53 -8.13 7.19
C6 FAD G . -2.16 -8.10 6.94
C7 FAD G . -1.49 -9.28 6.69
C7M FAD G . -0.01 -9.19 6.41
C8 FAD G . -2.18 -10.51 6.72
C8M FAD G . -1.50 -11.85 6.48
C9 FAD G . -3.55 -10.52 6.99
C9A FAD G . -4.22 -9.33 7.20
N10 FAD G . -5.60 -9.32 7.46
C10 FAD G . -6.23 -8.13 7.68
C1' FAD G . -6.38 -10.60 7.48
C2' FAD G . -6.63 -11.00 6.00
O2' FAD G . -7.24 -9.96 5.20
C3' FAD G . -7.48 -12.25 5.95
O3' FAD G . -6.72 -13.26 6.59
C4' FAD G . -7.91 -12.62 4.51
O4' FAD G . -8.70 -11.59 3.93
C5' FAD G . -8.77 -13.87 4.40
O5' FAD G . -8.79 -14.27 3.05
P FAD G . -8.27 -15.71 2.57
O1P FAD G . -6.80 -15.94 2.84
O2P FAD G . -8.59 -16.04 1.14
O3P FAD G . -9.13 -16.66 3.56
C1 52X H . 0.02 10.56 -8.57
I1 52X H . -2.54 13.45 -6.64
N1 52X H . -1.16 10.84 -7.90
O1 52X H . 1.40 18.30 -9.53
C2 52X H . 0.63 9.42 -9.15
N2 52X H . 1.30 16.08 -9.40
O2 52X H . 5.67 10.85 -11.91
C3 52X H . 1.92 9.54 -9.75
N3 52X H . 3.86 11.02 -10.35
O3 52X H . 4.32 9.07 -11.32
C4 52X H . 2.63 10.77 -9.81
C5 52X H . 2.06 11.88 -9.27
C6 52X H . 0.82 11.80 -8.68
C7 52X H . 0.08 12.87 -8.05
C8 52X H . -1.12 12.17 -7.63
C11 52X H . 0.44 14.32 -7.90
C12 52X H . 0.56 14.83 -9.33
C14 52X H . 0.74 17.27 -9.64
C15 52X H . -0.70 17.32 -10.06
C18 52X H . 4.56 10.25 -11.16
C33 52X H . 6.61 11.74 -11.29
#